data_3A2S
#
_entry.id   3A2S
#
_cell.length_a   82.773
_cell.length_b   82.773
_cell.length_c   106.433
_cell.angle_alpha   90.00
_cell.angle_beta   90.00
_cell.angle_gamma   120.00
#
_symmetry.space_group_name_H-M   'P 63'
#
loop_
_entity.id
_entity.type
_entity.pdbx_description
1 polymer 'Outer membrane protein II'
2 branched beta-D-fructofuranose-(2-1)-alpha-D-glucopyranose
3 non-polymer 'LAURYL DIMETHYLAMINE-N-OXIDE'
4 water water
#
_entity_poly.entity_id   1
_entity_poly.type   'polypeptide(L)'
_entity_poly.pdbx_seq_one_letter_code
;MASMTGGQQMGRDLQVTLYGTIKAGVEVSRVKDAGTYKAQGGKSKTATQIADFGSKIGFKGQEDLGNGMKAIWQLEQKAS
IAGTNSGWGNRQSFIGLKGGFGTVRAGNLNTVLKDSGDNVNAWESGSNTEDVLGLGTIGRVESREISVRYDSPVFAGFSG
SVQYVPRDNANDVDKYKHTKSSRESYHAGLKYENAGFFGQYAGSFAKYADLNTDAERVAVNTANAHPVKDYQVHRVVAGY
DANDLYVSVAGQYEAAKNNEVGSIKGKKHEQTQVAATAAYRFGNVTPRVSYAHGFKAKVNGVKDANYQYDQVIVGADYDF
SKRTSALVSAGWLKQGKGAGKVEQTASMVGLRHKF
;
_entity_poly.pdbx_strand_id   X
#
# COMPACT_ATOMS: atom_id res chain seq x y z
N GLN A 15 -3.12 -2.27 30.07
CA GLN A 15 -3.47 -1.08 29.24
C GLN A 15 -4.70 -1.31 28.36
N VAL A 16 -5.49 -0.24 28.18
CA VAL A 16 -6.45 -0.12 27.08
C VAL A 16 -6.31 1.31 26.54
N THR A 17 -5.84 1.46 25.31
CA THR A 17 -5.62 2.80 24.77
C THR A 17 -6.50 3.11 23.56
N LEU A 18 -7.04 4.33 23.58
CA LEU A 18 -7.69 4.95 22.44
C LEU A 18 -6.62 5.73 21.68
N TYR A 19 -6.61 5.60 20.36
CA TYR A 19 -5.58 6.24 19.55
C TYR A 19 -6.17 6.50 18.17
N GLY A 20 -5.42 7.23 17.34
CA GLY A 20 -5.87 7.51 15.99
C GLY A 20 -5.15 8.69 15.37
N THR A 21 -5.55 9.00 14.14
CA THR A 21 -5.05 10.15 13.42
C THR A 21 -6.20 10.81 12.69
N ILE A 22 -6.36 12.12 12.91
CA ILE A 22 -7.27 12.94 12.11
C ILE A 22 -6.41 13.67 11.10
N LYS A 23 -6.76 13.57 9.82
CA LYS A 23 -5.97 14.20 8.77
C LYS A 23 -6.83 14.54 7.58
N ALA A 24 -6.64 15.74 7.04
CA ALA A 24 -7.45 16.23 5.94
C ALA A 24 -6.80 17.48 5.36
N GLY A 25 -7.27 17.90 4.19
CA GLY A 25 -6.74 19.09 3.56
C GLY A 25 -7.55 19.49 2.34
N VAL A 26 -7.04 20.48 1.63
CA VAL A 26 -7.66 20.95 0.40
C VAL A 26 -6.77 20.48 -0.74
N GLU A 27 -7.37 19.75 -1.69
CA GLU A 27 -6.65 19.28 -2.85
C GLU A 27 -7.16 19.82 -4.18
N VAL A 28 -6.20 20.16 -5.04
CA VAL A 28 -6.43 20.77 -6.34
C VAL A 28 -5.83 19.83 -7.38
N SER A 29 -6.64 19.44 -8.36
CA SER A 29 -6.22 18.46 -9.34
C SER A 29 -6.81 18.66 -10.74
N ARG A 30 -6.00 18.29 -11.72
CA ARG A 30 -6.37 18.36 -13.12
C ARG A 30 -5.94 17.07 -13.79
N VAL A 31 -6.78 16.58 -14.69
CA VAL A 31 -6.48 15.40 -15.50
C VAL A 31 -6.38 15.85 -16.96
N LYS A 32 -5.40 15.30 -17.67
CA LYS A 32 -5.25 15.43 -19.11
C LYS A 32 -5.51 14.06 -19.73
N ASP A 33 -6.57 13.96 -20.52
CA ASP A 33 -7.00 12.69 -21.10
C ASP A 33 -7.83 12.96 -22.37
N ALA A 34 -7.17 12.79 -23.52
CA ALA A 34 -7.78 13.04 -24.83
C ALA A 34 -9.02 12.20 -25.10
N GLY A 35 -9.07 11.01 -24.52
CA GLY A 35 -10.18 10.09 -24.67
C GLY A 35 -11.45 10.53 -23.96
N THR A 36 -11.33 10.94 -22.71
CA THR A 36 -12.51 11.26 -21.89
C THR A 36 -12.87 12.75 -21.87
N TYR A 37 -11.88 13.62 -22.12
CA TYR A 37 -12.12 15.06 -22.21
C TYR A 37 -11.73 15.57 -23.60
N LYS A 38 -12.46 16.57 -24.08
CA LYS A 38 -12.18 17.15 -25.41
C LYS A 38 -11.80 18.64 -25.36
N ALA A 39 -12.14 19.30 -24.25
CA ALA A 39 -11.93 20.74 -24.09
C ALA A 39 -10.45 21.14 -23.96
N GLN A 40 -9.88 21.61 -25.07
CA GLN A 40 -8.50 22.11 -25.14
C GLN A 40 -7.35 21.10 -24.93
N GLY A 41 -7.21 20.18 -25.89
CA GLY A 41 -6.11 19.21 -25.91
C GLY A 41 -6.31 18.10 -24.88
N GLY A 42 -7.57 17.74 -24.64
CA GLY A 42 -7.91 16.67 -23.71
C GLY A 42 -7.78 16.99 -22.22
N LYS A 43 -7.55 18.26 -21.89
CA LYS A 43 -7.45 18.70 -20.50
C LYS A 43 -8.83 18.84 -19.87
N SER A 44 -8.96 18.36 -18.63
CA SER A 44 -10.20 18.51 -17.86
C SER A 44 -10.22 19.89 -17.20
N LYS A 45 -11.31 20.18 -16.48
CA LYS A 45 -11.34 21.33 -15.60
C LYS A 45 -10.52 21.07 -14.33
N THR A 46 -10.17 22.13 -13.61
CA THR A 46 -9.42 21.99 -12.36
C THR A 46 -10.38 21.83 -11.19
N ALA A 47 -10.22 20.75 -10.43
CA ALA A 47 -11.08 20.48 -9.27
C ALA A 47 -10.41 20.91 -7.98
N THR A 48 -11.20 21.49 -7.08
CA THR A 48 -10.76 21.89 -5.74
C THR A 48 -11.70 21.35 -4.67
N GLN A 49 -11.16 20.47 -3.82
CA GLN A 49 -11.93 19.70 -2.87
C GLN A 49 -11.31 19.66 -1.49
N ILE A 50 -12.15 19.89 -0.48
CA ILE A 50 -11.84 19.45 0.88
C ILE A 50 -11.89 17.91 0.84
N ALA A 51 -10.84 17.27 1.32
CA ALA A 51 -10.81 15.80 1.34
C ALA A 51 -10.18 15.31 2.63
N ASP A 52 -10.82 14.33 3.26
CA ASP A 52 -10.22 13.61 4.36
C ASP A 52 -9.05 12.80 3.80
N PHE A 53 -7.97 12.72 4.57
CA PHE A 53 -6.76 12.01 4.13
C PHE A 53 -6.61 10.58 4.66
N GLY A 54 -7.66 10.07 5.30
CA GLY A 54 -7.63 8.72 5.85
C GLY A 54 -7.65 8.71 7.36
N SER A 55 -8.47 9.58 7.94
CA SER A 55 -8.65 9.60 9.39
C SER A 55 -9.08 8.21 9.89
N LYS A 56 -8.62 7.86 11.09
CA LYS A 56 -8.80 6.53 11.64
C LYS A 56 -8.83 6.64 13.15
N ILE A 57 -9.48 5.67 13.77
CA ILE A 57 -9.56 5.60 15.21
C ILE A 57 -9.49 4.13 15.60
N GLY A 58 -8.74 3.85 16.66
CA GLY A 58 -8.63 2.50 17.16
C GLY A 58 -8.65 2.40 18.67
N PHE A 59 -8.87 1.17 19.11
CA PHE A 59 -8.80 0.76 20.51
C PHE A 59 -7.89 -0.45 20.53
N LYS A 60 -7.05 -0.52 21.55
CA LYS A 60 -6.07 -1.59 21.65
C LYS A 60 -5.63 -1.77 23.09
N GLY A 61 -5.06 -2.94 23.36
CA GLY A 61 -4.67 -3.27 24.71
C GLY A 61 -3.77 -4.48 24.77
N GLN A 62 -3.22 -4.70 25.96
CA GLN A 62 -2.32 -5.81 26.22
C GLN A 62 -2.47 -6.23 27.67
N GLU A 63 -2.22 -7.51 27.93
CA GLU A 63 -2.26 -8.03 29.28
C GLU A 63 -1.10 -8.98 29.54
N ASP A 64 -0.27 -8.67 30.53
CA ASP A 64 0.79 -9.57 30.97
C ASP A 64 0.17 -10.88 31.48
N LEU A 65 0.58 -11.99 30.88
CA LEU A 65 0.02 -13.30 31.25
C LEU A 65 0.91 -14.07 32.24
N GLY A 66 2.01 -13.43 32.65
CA GLY A 66 2.96 -14.05 33.55
C GLY A 66 4.04 -14.78 32.78
N ASN A 67 5.27 -14.62 33.23
CA ASN A 67 6.44 -15.26 32.61
C ASN A 67 6.58 -14.96 31.11
N GLY A 68 6.74 -13.67 30.81
CA GLY A 68 7.11 -13.22 29.47
C GLY A 68 6.01 -12.96 28.46
N MET A 69 4.92 -13.74 28.53
CA MET A 69 3.87 -13.67 27.52
C MET A 69 2.81 -12.59 27.80
N LYS A 70 2.30 -12.01 26.72
CA LYS A 70 1.27 -11.00 26.77
C LYS A 70 0.16 -11.34 25.77
N ALA A 71 -1.09 -11.11 26.17
CA ALA A 71 -2.18 -11.12 25.21
C ALA A 71 -2.24 -9.73 24.60
N ILE A 72 -2.45 -9.66 23.29
CA ILE A 72 -2.57 -8.38 22.60
C ILE A 72 -3.81 -8.38 21.70
N TRP A 73 -4.40 -7.21 21.50
CA TRP A 73 -5.55 -7.08 20.65
C TRP A 73 -5.63 -5.66 20.14
N GLN A 74 -6.33 -5.47 19.03
CA GLN A 74 -6.52 -4.18 18.44
C GLN A 74 -7.79 -4.21 17.59
N LEU A 75 -8.55 -3.11 17.66
CA LEU A 75 -9.71 -2.87 16.81
C LEU A 75 -9.57 -1.49 16.22
N GLU A 76 -9.20 -1.43 14.94
CA GLU A 76 -8.98 -0.15 14.28
C GLU A 76 -9.97 0.01 13.13
N GLN A 77 -10.43 1.25 12.93
CA GLN A 77 -11.55 1.59 12.04
C GLN A 77 -11.17 2.77 11.14
N LYS A 78 -11.70 2.79 9.92
CA LYS A 78 -11.69 3.99 9.10
C LYS A 78 -12.64 5.01 9.73
N ALA A 79 -12.24 6.28 9.78
CA ALA A 79 -13.11 7.28 10.42
C ALA A 79 -12.66 8.51 9.63
N SER A 80 -13.47 8.90 8.66
CA SER A 80 -13.16 10.04 7.79
C SER A 80 -14.00 11.11 8.49
N ILE A 81 -13.44 12.31 8.65
CA ILE A 81 -14.20 13.44 9.20
C ILE A 81 -15.22 14.00 8.20
N ALA A 82 -15.24 13.43 7.00
CA ALA A 82 -16.28 13.74 6.02
C ALA A 82 -17.51 12.84 6.17
N GLY A 83 -17.45 11.88 7.10
CA GLY A 83 -18.60 11.03 7.41
C GLY A 83 -18.96 9.97 6.39
N THR A 84 -17.97 9.50 5.63
CA THR A 84 -18.22 8.52 4.55
C THR A 84 -17.96 7.06 4.92
N ASN A 85 -17.28 6.82 6.03
CA ASN A 85 -16.99 5.46 6.46
C ASN A 85 -18.04 4.89 7.41
N SER A 86 -18.22 3.58 7.38
CA SER A 86 -18.96 2.89 8.41
C SER A 86 -18.30 1.51 8.60
N GLY A 87 -18.35 0.99 9.80
CA GLY A 87 -17.71 -0.29 10.06
C GLY A 87 -16.74 -0.26 11.22
N TRP A 88 -16.65 -1.40 11.87
CA TRP A 88 -15.69 -1.68 12.91
C TRP A 88 -14.68 -2.65 12.32
N GLY A 89 -13.41 -2.48 12.68
CA GLY A 89 -12.39 -3.48 12.40
C GLY A 89 -12.03 -3.55 10.92
N ASN A 90 -12.32 -2.49 10.17
CA ASN A 90 -12.02 -2.47 8.73
C ASN A 90 -10.63 -1.89 8.41
N ARG A 91 -9.87 -1.58 9.46
CA ARG A 91 -8.43 -1.38 9.38
C ARG A 91 -7.75 -2.46 10.25
N GLN A 92 -6.42 -2.44 10.35
CA GLN A 92 -5.74 -3.53 11.04
C GLN A 92 -6.39 -3.80 12.41
N SER A 93 -6.82 -5.04 12.61
CA SER A 93 -7.57 -5.48 13.78
C SER A 93 -7.20 -6.95 14.04
N PHE A 94 -6.98 -7.30 15.30
CA PHE A 94 -6.50 -8.63 15.61
C PHE A 94 -6.65 -9.00 17.09
N ILE A 95 -6.45 -10.27 17.36
CA ILE A 95 -6.07 -10.75 18.68
C ILE A 95 -4.77 -11.54 18.44
N GLY A 96 -3.92 -11.63 19.47
CA GLY A 96 -2.70 -12.40 19.36
C GLY A 96 -1.99 -12.57 20.69
N LEU A 97 -0.82 -13.20 20.61
CA LEU A 97 0.08 -13.35 21.77
C LEU A 97 1.50 -12.91 21.40
N LYS A 98 2.20 -12.36 22.39
CA LYS A 98 3.53 -11.83 22.23
C LYS A 98 4.37 -12.26 23.43
N GLY A 99 5.62 -12.64 23.16
CA GLY A 99 6.57 -13.03 24.21
C GLY A 99 7.97 -13.14 23.63
N GLY A 100 8.78 -14.03 24.21
CA GLY A 100 10.16 -14.20 23.77
C GLY A 100 10.26 -14.83 22.39
N PHE A 101 9.24 -15.60 22.03
CA PHE A 101 9.13 -16.27 20.73
C PHE A 101 8.88 -15.31 19.54
N GLY A 102 8.54 -14.07 19.86
CA GLY A 102 8.06 -13.10 18.87
C GLY A 102 6.58 -12.78 19.08
N THR A 103 5.85 -12.68 17.98
CA THR A 103 4.46 -12.24 18.00
C THR A 103 3.65 -13.08 17.03
N VAL A 104 2.51 -13.57 17.49
CA VAL A 104 1.55 -14.25 16.63
C VAL A 104 0.20 -13.53 16.71
N ARG A 105 -0.41 -13.27 15.56
CA ARG A 105 -1.70 -12.58 15.48
C ARG A 105 -2.59 -13.22 14.44
N ALA A 106 -3.89 -13.13 14.67
CA ALA A 106 -4.90 -13.53 13.71
C ALA A 106 -5.95 -12.43 13.64
N GLY A 107 -6.44 -12.14 12.44
CA GLY A 107 -7.46 -11.13 12.25
C GLY A 107 -7.34 -10.46 10.89
N ASN A 108 -7.87 -9.24 10.80
CA ASN A 108 -7.78 -8.44 9.58
C ASN A 108 -6.41 -7.77 9.67
N LEU A 109 -5.44 -8.34 8.99
CA LEU A 109 -4.05 -7.96 9.22
C LEU A 109 -3.45 -7.30 7.99
N ASN A 110 -2.61 -6.29 8.20
CA ASN A 110 -1.76 -5.80 7.12
C ASN A 110 -0.94 -6.95 6.57
N THR A 111 -0.80 -6.94 5.26
CA THR A 111 0.02 -7.91 4.59
C THR A 111 1.47 -7.45 4.84
N VAL A 112 2.45 -8.36 4.75
CA VAL A 112 3.84 -7.99 4.99
C VAL A 112 4.24 -6.88 4.01
N LEU A 113 3.76 -6.98 2.77
CA LEU A 113 4.02 -5.95 1.75
C LEU A 113 3.38 -4.61 2.11
N LYS A 114 2.21 -4.65 2.74
CA LYS A 114 1.53 -3.43 3.14
C LYS A 114 2.36 -2.71 4.21
N ASP A 115 2.87 -3.46 5.17
CA ASP A 115 3.77 -2.88 6.18
C ASP A 115 5.06 -2.29 5.58
N SER A 116 5.68 -2.98 4.63
CA SER A 116 6.90 -2.47 3.97
C SER A 116 6.66 -1.16 3.22
N GLY A 117 5.40 -0.88 2.89
CA GLY A 117 5.00 0.36 2.20
C GLY A 117 5.27 1.62 2.98
N ASP A 118 5.40 1.49 4.30
CA ASP A 118 5.86 2.57 5.17
C ASP A 118 7.20 3.21 4.76
N ASN A 119 8.10 2.41 4.18
CA ASN A 119 9.36 2.92 3.66
C ASN A 119 9.35 3.24 2.18
N VAL A 120 8.17 3.26 1.59
CA VAL A 120 8.01 3.55 0.17
C VAL A 120 7.17 4.83 -0.07
N ASN A 121 6.02 4.91 0.59
CA ASN A 121 5.06 6.00 0.39
C ASN A 121 4.84 6.81 1.68
N ALA A 122 5.55 7.92 1.79
CA ALA A 122 5.46 8.79 2.97
C ALA A 122 4.41 9.90 2.86
N TRP A 123 3.61 9.87 1.81
CA TRP A 123 2.76 10.99 1.45
C TRP A 123 1.33 10.84 1.96
N GLU A 124 0.67 11.97 2.23
CA GLU A 124 -0.73 12.00 2.66
C GLU A 124 -1.57 12.64 1.56
N SER A 125 -2.74 12.05 1.31
CA SER A 125 -3.72 12.60 0.37
C SER A 125 -5.10 11.97 0.57
N GLY A 126 -6.11 12.54 -0.08
CA GLY A 126 -7.43 11.91 -0.13
C GLY A 126 -7.44 10.72 -1.07
N SER A 127 -8.56 10.02 -1.14
CA SER A 127 -8.66 8.85 -2.03
C SER A 127 -8.56 9.22 -3.52
N ASN A 128 -9.09 10.39 -3.88
CA ASN A 128 -9.06 10.85 -5.27
C ASN A 128 -7.65 11.12 -5.83
N THR A 129 -6.69 11.43 -4.97
CA THR A 129 -5.36 11.85 -5.40
C THR A 129 -4.22 10.87 -5.05
N GLU A 130 -4.59 9.65 -4.63
CA GLU A 130 -3.64 8.66 -4.13
C GLU A 130 -2.56 8.26 -5.11
N ASP A 131 -2.86 8.38 -6.40
CA ASP A 131 -1.92 7.98 -7.44
C ASP A 131 -0.99 9.11 -7.86
N VAL A 132 -1.34 10.35 -7.57
CA VAL A 132 -0.53 11.52 -7.98
C VAL A 132 0.06 12.34 -6.83
N LEU A 133 -0.62 12.35 -5.68
CA LEU A 133 -0.13 13.05 -4.49
C LEU A 133 0.48 12.01 -3.54
N GLY A 134 0.51 10.77 -4.02
CA GLY A 134 1.19 9.69 -3.34
C GLY A 134 1.70 8.70 -4.38
N LEU A 135 2.59 7.80 -3.96
CA LEU A 135 3.05 6.73 -4.81
C LEU A 135 2.06 5.56 -4.80
N GLY A 136 0.83 5.82 -5.24
CA GLY A 136 -0.23 4.82 -5.20
C GLY A 136 -0.06 3.60 -6.09
N THR A 137 0.56 3.78 -7.25
CA THR A 137 0.69 2.67 -8.22
C THR A 137 1.58 1.56 -7.67
N ILE A 138 2.72 1.92 -7.09
CA ILE A 138 3.59 0.90 -6.52
C ILE A 138 2.91 0.16 -5.36
N GLY A 139 2.01 0.87 -4.67
CA GLY A 139 1.25 0.30 -3.55
C GLY A 139 0.08 -0.59 -3.92
N ARG A 140 -0.19 -0.78 -5.22
CA ARG A 140 -1.38 -1.54 -5.67
C ARG A 140 -1.38 -2.99 -5.18
N VAL A 141 -0.21 -3.49 -4.77
CA VAL A 141 -0.03 -4.87 -4.33
C VAL A 141 -0.30 -5.05 -2.84
N GLU A 142 -0.54 -3.94 -2.15
CA GLU A 142 -0.65 -3.93 -0.70
C GLU A 142 -2.12 -4.11 -0.32
N SER A 143 -2.37 -4.89 0.72
CA SER A 143 -3.75 -5.08 1.21
C SER A 143 -3.78 -5.49 2.68
N ARG A 144 -4.98 -5.48 3.27
CA ARG A 144 -5.25 -6.16 4.52
C ARG A 144 -5.97 -7.45 4.16
N GLU A 145 -5.66 -8.52 4.89
CA GLU A 145 -6.30 -9.81 4.65
C GLU A 145 -6.62 -10.49 5.96
N ILE A 146 -7.73 -11.23 5.98
CA ILE A 146 -8.04 -12.09 7.10
C ILE A 146 -7.05 -13.23 7.04
N SER A 147 -6.19 -13.32 8.05
CA SER A 147 -5.00 -14.16 7.97
C SER A 147 -4.40 -14.41 9.35
N VAL A 148 -3.38 -15.28 9.38
CA VAL A 148 -2.54 -15.45 10.56
C VAL A 148 -1.12 -15.01 10.23
N ARG A 149 -0.45 -14.38 11.20
CA ARG A 149 0.88 -13.83 10.96
C ARG A 149 1.79 -14.04 12.15
N TYR A 150 3.04 -14.39 11.85
CA TYR A 150 4.06 -14.48 12.86
C TYR A 150 5.11 -13.41 12.58
N ASP A 151 5.49 -12.65 13.60
CA ASP A 151 6.61 -11.72 13.49
C ASP A 151 7.66 -12.09 14.53
N SER A 152 8.91 -12.22 14.07
CA SER A 152 10.02 -12.62 14.94
C SER A 152 10.48 -11.46 15.81
N PRO A 153 11.23 -11.77 16.90
CA PRO A 153 12.00 -10.71 17.56
C PRO A 153 13.12 -10.19 16.64
N VAL A 154 13.72 -9.07 17.02
CA VAL A 154 14.86 -8.54 16.29
C VAL A 154 16.12 -9.20 16.84
N PHE A 155 16.83 -9.95 15.99
CA PHE A 155 18.08 -10.60 16.36
C PHE A 155 19.23 -10.08 15.51
N ALA A 156 20.20 -9.48 16.19
CA ALA A 156 21.40 -8.89 15.56
C ALA A 156 21.08 -8.08 14.30
N GLY A 157 20.13 -7.15 14.44
CA GLY A 157 19.71 -6.31 13.31
C GLY A 157 18.62 -6.90 12.43
N PHE A 158 18.47 -8.22 12.45
CA PHE A 158 17.53 -8.96 11.60
C PHE A 158 16.18 -9.28 12.26
N SER A 159 15.10 -9.12 11.50
CA SER A 159 13.75 -9.56 11.90
C SER A 159 13.00 -10.02 10.65
N GLY A 160 11.94 -10.80 10.85
CA GLY A 160 11.20 -11.36 9.72
C GLY A 160 9.75 -11.66 10.03
N SER A 161 8.97 -11.88 8.97
CA SER A 161 7.55 -12.18 9.11
C SER A 161 7.14 -13.25 8.13
N VAL A 162 6.15 -14.04 8.54
CA VAL A 162 5.50 -14.99 7.65
C VAL A 162 4.01 -14.95 7.97
N GLN A 163 3.20 -15.08 6.93
CA GLN A 163 1.79 -14.82 7.02
C GLN A 163 1.04 -15.64 5.98
N TYR A 164 -0.15 -16.09 6.36
CA TYR A 164 -0.90 -17.01 5.53
C TYR A 164 -2.39 -16.66 5.52
N VAL A 165 -2.98 -16.67 4.32
CA VAL A 165 -4.41 -16.54 4.12
C VAL A 165 -4.98 -17.87 3.64
N PRO A 166 -5.78 -18.56 4.48
CA PRO A 166 -6.34 -19.85 4.14
C PRO A 166 -7.30 -19.83 2.96
N ARG A 167 -7.39 -20.99 2.29
CA ARG A 167 -8.27 -21.19 1.15
C ARG A 167 -9.71 -20.76 1.43
N ASP A 168 -10.27 -21.22 2.54
CA ASP A 168 -11.66 -20.93 2.88
C ASP A 168 -11.90 -19.53 3.48
N ASN A 169 -10.84 -18.77 3.71
CA ASN A 169 -10.99 -17.33 3.99
C ASN A 169 -10.88 -16.49 2.72
N ALA A 170 -10.03 -16.92 1.80
CA ALA A 170 -9.91 -16.28 0.48
C ALA A 170 -11.13 -16.54 -0.42
N ASN A 171 -11.91 -17.59 -0.13
CA ASN A 171 -13.11 -17.93 -0.89
C ASN A 171 -14.08 -18.73 -0.01
N ASP A 172 -14.92 -17.98 0.71
CA ASP A 172 -15.89 -18.56 1.62
C ASP A 172 -16.95 -19.39 0.91
N VAL A 173 -17.50 -18.85 -0.17
CA VAL A 173 -18.58 -19.52 -0.93
C VAL A 173 -18.25 -21.00 -1.21
N ASP A 174 -17.00 -21.24 -1.64
CA ASP A 174 -16.53 -22.54 -2.12
C ASP A 174 -16.11 -23.52 -1.00
N LYS A 175 -16.22 -23.06 0.25
CA LYS A 175 -15.81 -23.79 1.48
C LYS A 175 -15.98 -25.30 1.67
N TYR A 176 -17.04 -25.82 1.06
CA TYR A 176 -17.50 -27.18 1.28
C TYR A 176 -17.50 -27.91 -0.06
N LYS A 177 -17.40 -27.13 -1.12
CA LYS A 177 -17.29 -27.63 -2.50
C LYS A 177 -16.04 -26.95 -2.99
N HIS A 178 -14.91 -27.66 -2.96
CA HIS A 178 -13.64 -27.10 -3.41
C HIS A 178 -13.61 -27.28 -4.92
N THR A 179 -14.53 -26.61 -5.61
CA THR A 179 -14.63 -26.67 -7.07
C THR A 179 -13.76 -25.60 -7.73
N LYS A 180 -13.52 -24.50 -7.01
CA LYS A 180 -12.59 -23.46 -7.48
C LYS A 180 -11.20 -23.67 -6.91
N SER A 181 -10.19 -23.48 -7.75
CA SER A 181 -8.80 -23.52 -7.32
C SER A 181 -8.61 -22.57 -6.13
N SER A 182 -7.77 -23.00 -5.18
CA SER A 182 -7.48 -22.24 -3.97
C SER A 182 -6.88 -20.86 -4.26
N ARG A 183 -7.40 -19.86 -3.55
CA ARG A 183 -6.83 -18.51 -3.60
C ARG A 183 -6.04 -18.20 -2.35
N GLU A 184 -5.60 -19.25 -1.66
CA GLU A 184 -4.79 -19.09 -0.47
C GLU A 184 -3.48 -18.45 -0.85
N SER A 185 -2.87 -17.71 0.07
CA SER A 185 -1.63 -17.03 -0.22
C SER A 185 -0.68 -16.99 0.97
N TYR A 186 0.59 -16.79 0.65
CA TYR A 186 1.68 -16.73 1.60
C TYR A 186 2.35 -15.38 1.46
N HIS A 187 2.73 -14.81 2.60
CA HIS A 187 3.35 -13.50 2.65
C HIS A 187 4.54 -13.62 3.57
N ALA A 188 5.64 -13.00 3.17
CA ALA A 188 6.87 -13.13 3.92
C ALA A 188 7.72 -11.89 3.74
N GLY A 189 8.54 -11.63 4.74
CA GLY A 189 9.42 -10.48 4.74
C GLY A 189 10.64 -10.72 5.60
N LEU A 190 11.71 -10.00 5.28
CA LEU A 190 12.92 -10.03 6.06
C LEU A 190 13.49 -8.61 6.09
N LYS A 191 13.86 -8.14 7.28
CA LYS A 191 14.39 -6.78 7.44
C LYS A 191 15.72 -6.77 8.20
N TYR A 192 16.63 -5.91 7.77
CA TYR A 192 17.89 -5.69 8.48
C TYR A 192 18.11 -4.20 8.76
N GLU A 193 18.50 -3.87 9.98
CA GLU A 193 18.77 -2.49 10.35
C GLU A 193 20.08 -2.34 11.11
N ASN A 194 20.87 -1.35 10.71
CA ASN A 194 22.18 -1.09 11.32
C ASN A 194 22.42 0.40 11.16
N ALA A 195 22.70 1.07 12.29
CA ALA A 195 23.12 2.48 12.32
C ALA A 195 22.50 3.41 11.28
N GLY A 196 21.17 3.39 11.20
CA GLY A 196 20.44 4.23 10.25
C GLY A 196 20.17 3.54 8.93
N PHE A 197 21.07 2.64 8.54
CA PHE A 197 20.90 1.89 7.28
C PHE A 197 19.86 0.80 7.45
N PHE A 198 19.05 0.61 6.41
CA PHE A 198 18.02 -0.43 6.43
C PHE A 198 17.89 -1.05 5.05
N GLY A 199 17.58 -2.33 5.04
CA GLY A 199 17.26 -3.07 3.84
C GLY A 199 16.12 -4.00 4.21
N GLN A 200 15.16 -4.15 3.31
CA GLN A 200 14.14 -5.14 3.52
C GLN A 200 13.67 -5.78 2.22
N TYR A 201 13.35 -7.06 2.33
CA TYR A 201 12.62 -7.79 1.31
C TYR A 201 11.22 -8.04 1.84
N ALA A 202 10.21 -7.86 0.99
CA ALA A 202 8.85 -8.31 1.30
C ALA A 202 8.24 -8.86 0.03
N GLY A 203 7.47 -9.92 0.16
CA GLY A 203 6.86 -10.57 -0.98
C GLY A 203 5.63 -11.37 -0.65
N SER A 204 5.01 -11.89 -1.69
CA SER A 204 3.85 -12.76 -1.56
C SER A 204 3.80 -13.74 -2.70
N PHE A 205 3.19 -14.89 -2.44
CA PHE A 205 2.88 -15.87 -3.45
C PHE A 205 1.45 -16.39 -3.26
N ALA A 206 0.74 -16.53 -4.38
CA ALA A 206 -0.56 -17.19 -4.41
C ALA A 206 -0.58 -18.07 -5.65
N LYS A 207 -0.77 -19.37 -5.44
CA LYS A 207 -0.82 -20.32 -6.55
C LYS A 207 -1.91 -19.89 -7.54
N TYR A 208 -3.04 -19.45 -7.00
CA TYR A 208 -4.08 -18.84 -7.83
C TYR A 208 -4.52 -17.53 -7.18
N ALA A 209 -4.98 -16.61 -8.03
CA ALA A 209 -5.43 -15.28 -7.60
C ALA A 209 -6.31 -14.68 -8.68
N ASP A 210 -6.78 -13.46 -8.43
CA ASP A 210 -7.60 -12.73 -9.39
C ASP A 210 -7.23 -11.25 -9.35
N LEU A 211 -7.03 -10.67 -10.53
CA LEU A 211 -6.59 -9.29 -10.68
C LEU A 211 -7.64 -8.50 -11.45
N ASN A 212 -7.86 -7.25 -11.08
CA ASN A 212 -8.53 -6.36 -12.01
C ASN A 212 -7.50 -5.79 -12.99
N THR A 213 -7.97 -4.99 -13.95
CA THR A 213 -7.12 -4.42 -14.99
C THR A 213 -6.08 -3.40 -14.51
N ASP A 214 -6.25 -2.90 -13.29
CA ASP A 214 -5.23 -2.07 -12.64
C ASP A 214 -4.16 -2.92 -11.94
N ALA A 215 -4.21 -4.23 -12.14
CA ALA A 215 -3.31 -5.19 -11.50
C ALA A 215 -3.37 -5.16 -9.97
N GLU A 216 -4.57 -4.91 -9.42
CA GLU A 216 -4.81 -5.08 -7.98
C GLU A 216 -5.52 -6.39 -7.76
N ARG A 217 -5.20 -7.09 -6.67
CA ARG A 217 -5.97 -8.27 -6.29
C ARG A 217 -7.39 -7.92 -5.88
N VAL A 218 -8.36 -8.61 -6.49
CA VAL A 218 -9.77 -8.52 -6.11
C VAL A 218 -10.30 -9.90 -5.73
N ALA A 219 -11.48 -9.92 -5.10
CA ALA A 219 -12.13 -11.15 -4.66
C ALA A 219 -12.54 -12.02 -5.86
N VAL A 220 -12.48 -13.33 -5.68
CA VAL A 220 -12.93 -14.28 -6.70
C VAL A 220 -14.37 -13.93 -7.08
N ASN A 221 -14.70 -14.05 -8.37
CA ASN A 221 -16.08 -13.81 -8.85
C ASN A 221 -16.50 -12.33 -8.89
N THR A 222 -15.59 -11.42 -8.56
CA THR A 222 -15.81 -9.97 -8.76
C THR A 222 -16.05 -9.73 -10.25
N ALA A 223 -16.87 -8.73 -10.58
CA ALA A 223 -17.12 -8.35 -11.97
C ALA A 223 -15.82 -7.92 -12.66
N ASN A 224 -15.58 -8.44 -13.85
CA ASN A 224 -14.37 -8.14 -14.63
C ASN A 224 -13.04 -8.53 -13.95
N ALA A 225 -13.10 -9.39 -12.93
CA ALA A 225 -11.88 -9.97 -12.36
C ALA A 225 -11.21 -10.87 -13.40
N HIS A 226 -9.90 -11.01 -13.32
CA HIS A 226 -9.16 -11.83 -14.25
C HIS A 226 -8.49 -12.87 -13.34
N PRO A 227 -8.69 -14.16 -13.64
CA PRO A 227 -8.07 -15.22 -12.84
C PRO A 227 -6.63 -15.33 -13.32
N VAL A 228 -5.72 -15.51 -12.37
CA VAL A 228 -4.30 -15.67 -12.66
C VAL A 228 -3.76 -16.85 -11.87
N LYS A 229 -2.62 -17.36 -12.31
CA LYS A 229 -1.95 -18.46 -11.63
C LYS A 229 -0.49 -18.04 -11.37
N ASP A 230 0.09 -18.60 -10.31
CA ASP A 230 1.47 -18.29 -9.90
C ASP A 230 1.69 -16.80 -9.71
N TYR A 231 0.81 -16.18 -8.92
CA TYR A 231 0.88 -14.76 -8.68
C TYR A 231 1.93 -14.46 -7.60
N GLN A 232 3.02 -13.83 -8.02
CA GLN A 232 4.14 -13.50 -7.14
C GLN A 232 4.45 -12.00 -7.18
N VAL A 233 4.83 -11.47 -6.03
CA VAL A 233 5.21 -10.07 -5.87
C VAL A 233 6.46 -10.05 -5.03
N HIS A 234 7.50 -9.35 -5.50
CA HIS A 234 8.74 -9.20 -4.76
C HIS A 234 9.04 -7.74 -4.66
N ARG A 235 9.47 -7.31 -3.47
CA ARG A 235 9.85 -5.95 -3.23
C ARG A 235 11.09 -5.86 -2.37
N VAL A 236 12.02 -5.01 -2.80
CA VAL A 236 13.21 -4.73 -2.02
C VAL A 236 13.23 -3.24 -1.80
N VAL A 237 13.52 -2.84 -0.57
CA VAL A 237 13.60 -1.44 -0.20
C VAL A 237 14.89 -1.30 0.60
N ALA A 238 15.66 -0.26 0.31
CA ALA A 238 16.87 -0.02 1.05
C ALA A 238 17.07 1.47 1.22
N GLY A 239 17.76 1.85 2.28
CA GLY A 239 18.12 3.25 2.44
C GLY A 239 18.73 3.59 3.77
N TYR A 240 18.49 4.84 4.19
CA TYR A 240 19.09 5.39 5.40
C TYR A 240 18.08 6.35 6.04
N ASP A 241 17.92 6.24 7.35
CA ASP A 241 16.95 7.00 8.11
C ASP A 241 17.53 7.36 9.49
N ALA A 242 18.27 8.47 9.55
CA ALA A 242 18.93 8.93 10.78
C ALA A 242 19.61 10.29 10.54
N ASN A 243 19.94 10.99 11.62
CA ASN A 243 20.66 12.27 11.55
C ASN A 243 20.00 13.30 10.61
N ASP A 244 18.68 13.44 10.74
CA ASP A 244 17.87 14.38 9.95
C ASP A 244 17.71 14.02 8.46
N LEU A 245 18.40 12.97 8.01
CA LEU A 245 18.35 12.56 6.60
C LEU A 245 17.53 11.29 6.36
N TYR A 246 16.72 11.31 5.31
CA TYR A 246 16.00 10.11 4.89
C TYR A 246 16.19 9.85 3.41
N VAL A 247 16.63 8.64 3.09
CA VAL A 247 16.69 8.23 1.69
C VAL A 247 16.21 6.81 1.56
N SER A 248 15.36 6.60 0.56
CA SER A 248 14.81 5.28 0.30
C SER A 248 14.79 5.00 -1.20
N VAL A 249 15.20 3.78 -1.56
CA VAL A 249 15.07 3.29 -2.93
C VAL A 249 14.39 1.92 -2.92
N ALA A 250 13.41 1.73 -3.80
CA ALA A 250 12.66 0.48 -3.87
C ALA A 250 12.56 -0.08 -5.29
N GLY A 251 12.68 -1.39 -5.39
CA GLY A 251 12.40 -2.11 -6.61
C GLY A 251 11.30 -3.11 -6.34
N GLN A 252 10.41 -3.27 -7.31
CA GLN A 252 9.30 -4.20 -7.18
C GLN A 252 9.07 -4.96 -8.47
N TYR A 253 8.77 -6.25 -8.33
CA TYR A 253 8.49 -7.11 -9.48
C TYR A 253 7.23 -7.92 -9.20
N GLU A 254 6.31 -7.90 -10.16
CA GLU A 254 5.04 -8.63 -10.11
C GLU A 254 4.92 -9.48 -11.35
N ALA A 255 4.50 -10.73 -11.18
CA ALA A 255 4.39 -11.66 -12.29
C ALA A 255 3.27 -12.66 -12.05
N ALA A 256 2.57 -13.03 -13.12
CA ALA A 256 1.53 -14.04 -13.06
C ALA A 256 1.30 -14.67 -14.45
N LYS A 257 0.67 -15.83 -14.47
CA LYS A 257 0.20 -16.44 -15.72
C LYS A 257 -1.31 -16.24 -15.86
N ASN A 258 -1.77 -15.89 -17.06
CA ASN A 258 -3.20 -15.87 -17.37
C ASN A 258 -3.85 -17.21 -16.97
N ASN A 259 -4.96 -17.17 -16.22
CA ASN A 259 -5.66 -18.41 -15.84
C ASN A 259 -7.14 -18.34 -16.22
N GLU A 260 -7.44 -17.48 -17.17
CA GLU A 260 -8.80 -17.29 -17.65
C GLU A 260 -9.03 -18.25 -18.82
N VAL A 261 -10.14 -18.99 -18.78
CA VAL A 261 -10.52 -19.94 -19.82
C VAL A 261 -10.71 -19.17 -21.14
N GLY A 262 -9.88 -19.50 -22.13
CA GLY A 262 -9.91 -18.79 -23.40
C GLY A 262 -8.61 -18.87 -24.17
N SER A 263 -8.52 -18.07 -25.23
CA SER A 263 -7.39 -18.09 -26.16
C SER A 263 -6.03 -17.91 -25.49
N ILE A 264 -5.98 -17.04 -24.48
CA ILE A 264 -4.71 -16.58 -23.91
C ILE A 264 -4.26 -17.24 -22.59
N LYS A 265 -4.96 -18.30 -22.17
CA LYS A 265 -4.60 -19.01 -20.94
C LYS A 265 -3.15 -19.50 -20.98
N GLY A 266 -2.43 -19.33 -19.85
CA GLY A 266 -1.03 -19.72 -19.75
C GLY A 266 -0.03 -18.63 -20.05
N LYS A 267 -0.49 -17.55 -20.71
CA LYS A 267 0.42 -16.48 -21.08
C LYS A 267 0.77 -15.57 -19.90
N LYS A 268 1.96 -15.00 -19.95
CA LYS A 268 2.56 -14.31 -18.81
C LYS A 268 2.22 -12.82 -18.70
N HIS A 269 1.84 -12.41 -17.49
CA HIS A 269 1.76 -11.00 -17.12
C HIS A 269 2.98 -10.69 -16.24
N GLU A 270 3.56 -9.51 -16.41
CA GLU A 270 4.61 -9.06 -15.52
C GLU A 270 4.82 -7.55 -15.61
N GLN A 271 5.31 -6.97 -14.53
CA GLN A 271 5.69 -5.56 -14.51
C GLN A 271 6.70 -5.29 -13.41
N THR A 272 7.61 -4.38 -13.71
CA THR A 272 8.61 -3.93 -12.78
C THR A 272 8.29 -2.48 -12.46
N GLN A 273 8.38 -2.13 -11.17
CA GLN A 273 8.27 -0.74 -10.72
C GLN A 273 9.46 -0.39 -9.83
N VAL A 274 9.86 0.88 -9.84
CA VAL A 274 10.90 1.39 -8.94
C VAL A 274 10.45 2.71 -8.31
N ALA A 275 10.97 3.01 -7.13
CA ALA A 275 10.60 4.23 -6.41
C ALA A 275 11.76 4.71 -5.55
N ALA A 276 11.89 6.02 -5.41
CA ALA A 276 12.92 6.61 -4.59
C ALA A 276 12.40 7.86 -3.89
N THR A 277 12.83 8.06 -2.65
CA THR A 277 12.42 9.22 -1.86
C THR A 277 13.63 9.77 -1.10
N ALA A 278 13.74 11.09 -1.05
CA ALA A 278 14.69 11.75 -0.18
C ALA A 278 13.96 12.83 0.63
N ALA A 279 14.37 12.99 1.88
CA ALA A 279 13.85 14.06 2.72
C ALA A 279 14.95 14.51 3.70
N TYR A 280 14.90 15.76 4.11
CA TYR A 280 15.83 16.26 5.12
C TYR A 280 15.10 17.14 6.14
N ARG A 281 15.35 16.88 7.43
CA ARG A 281 14.77 17.69 8.50
C ARG A 281 15.62 18.92 8.83
N PHE A 282 15.03 20.08 8.61
CA PHE A 282 15.59 21.37 9.02
C PHE A 282 14.76 21.91 10.19
N GLY A 283 15.07 21.47 11.41
CA GLY A 283 14.34 21.93 12.59
C GLY A 283 12.95 21.32 12.59
N ASN A 284 11.94 22.11 12.30
CA ASN A 284 10.57 21.61 12.26
C ASN A 284 10.02 21.44 10.84
N VAL A 285 10.85 21.74 9.84
CA VAL A 285 10.45 21.65 8.44
C VAL A 285 11.15 20.48 7.77
N THR A 286 10.37 19.64 7.06
CA THR A 286 10.94 18.50 6.32
C THR A 286 10.48 18.76 4.88
N PRO A 287 11.46 19.00 3.97
CA PRO A 287 11.17 18.99 2.52
C PRO A 287 11.39 17.55 2.07
N ARG A 288 10.63 17.12 1.06
CA ARG A 288 10.67 15.75 0.59
C ARG A 288 10.44 15.69 -0.91
N VAL A 289 11.11 14.75 -1.57
CA VAL A 289 10.93 14.55 -2.99
C VAL A 289 10.82 13.08 -3.29
N SER A 290 9.91 12.71 -4.18
CA SER A 290 9.77 11.31 -4.58
C SER A 290 9.71 11.16 -6.08
N TYR A 291 10.24 10.06 -6.57
CA TYR A 291 10.11 9.72 -7.97
C TYR A 291 9.75 8.24 -8.07
N ALA A 292 8.94 7.89 -9.06
CA ALA A 292 8.60 6.50 -9.28
C ALA A 292 8.36 6.26 -10.76
N HIS A 293 8.64 5.03 -11.18
CA HIS A 293 8.49 4.66 -12.56
C HIS A 293 7.99 3.22 -12.66
N GLY A 294 6.98 3.03 -13.52
CA GLY A 294 6.54 1.70 -13.92
C GLY A 294 6.99 1.46 -15.34
N PHE A 295 7.72 0.38 -15.56
CA PHE A 295 8.18 0.01 -16.89
C PHE A 295 7.02 -0.63 -17.66
N LYS A 296 7.13 -0.73 -18.98
CA LYS A 296 6.08 -1.38 -19.76
C LYS A 296 5.82 -2.78 -19.18
N ALA A 297 4.55 -3.08 -18.98
CA ALA A 297 4.12 -4.42 -18.55
C ALA A 297 4.13 -5.37 -19.72
N LYS A 298 4.28 -6.65 -19.42
CA LYS A 298 3.97 -7.73 -20.34
C LYS A 298 2.57 -8.17 -19.94
N VAL A 299 1.65 -8.19 -20.91
CA VAL A 299 0.28 -8.66 -20.69
C VAL A 299 -0.04 -9.71 -21.74
N ASN A 300 -0.45 -10.90 -21.29
CA ASN A 300 -0.63 -12.03 -22.18
C ASN A 300 0.61 -12.20 -23.09
N GLY A 301 1.78 -12.01 -22.50
CA GLY A 301 3.05 -12.23 -23.18
C GLY A 301 3.46 -11.12 -24.14
N VAL A 302 2.67 -10.06 -24.21
CA VAL A 302 2.89 -8.94 -25.13
C VAL A 302 3.11 -7.62 -24.37
N LYS A 303 4.13 -6.85 -24.79
CA LYS A 303 4.38 -5.53 -24.20
C LYS A 303 3.14 -4.64 -24.26
N ASP A 304 2.83 -4.04 -23.11
CA ASP A 304 1.67 -3.17 -22.97
C ASP A 304 2.13 -1.91 -22.27
N ALA A 305 2.35 -0.87 -23.06
CA ALA A 305 2.83 0.42 -22.58
C ALA A 305 1.75 1.22 -21.85
N ASN A 306 0.50 0.76 -21.91
CA ASN A 306 -0.57 1.35 -21.08
C ASN A 306 -0.27 1.28 -19.59
N TYR A 307 0.54 0.29 -19.19
CA TYR A 307 0.93 0.14 -17.78
C TYR A 307 2.15 0.96 -17.33
N GLN A 308 2.94 1.46 -18.29
CA GLN A 308 4.09 2.27 -17.92
C GLN A 308 3.64 3.60 -17.33
N TYR A 309 4.42 4.12 -16.38
CA TYR A 309 4.11 5.43 -15.78
C TYR A 309 5.39 6.09 -15.26
N ASP A 310 5.34 7.40 -15.08
CA ASP A 310 6.41 8.20 -14.47
C ASP A 310 5.77 9.20 -13.54
N GLN A 311 6.30 9.35 -12.35
CA GLN A 311 5.73 10.37 -11.45
C GLN A 311 6.78 11.02 -10.55
N VAL A 312 6.51 12.27 -10.20
CA VAL A 312 7.29 12.98 -9.21
C VAL A 312 6.35 13.67 -8.25
N ILE A 313 6.74 13.72 -6.99
CA ILE A 313 6.03 14.46 -5.95
C ILE A 313 7.06 15.24 -5.18
N VAL A 314 6.77 16.51 -4.94
CA VAL A 314 7.59 17.31 -4.03
C VAL A 314 6.66 17.87 -2.98
N GLY A 315 7.19 18.10 -1.78
CA GLY A 315 6.42 18.70 -0.70
C GLY A 315 7.22 18.94 0.56
N ALA A 316 6.51 19.25 1.65
CA ALA A 316 7.12 19.44 2.96
C ALA A 316 6.08 19.23 4.05
N ASP A 317 6.56 18.84 5.23
CA ASP A 317 5.78 18.76 6.45
C ASP A 317 6.29 19.84 7.40
N TYR A 318 5.37 20.49 8.09
CA TYR A 318 5.69 21.46 9.12
C TYR A 318 5.15 20.96 10.46
N ASP A 319 6.06 20.49 11.30
CA ASP A 319 5.68 19.95 12.63
C ASP A 319 5.51 21.04 13.66
N PHE A 320 4.25 21.35 13.98
CA PHE A 320 3.92 22.20 15.12
C PHE A 320 4.31 21.49 16.43
N SER A 321 4.12 20.17 16.45
CA SER A 321 4.45 19.35 17.60
C SER A 321 4.81 17.96 17.08
N LYS A 322 5.08 17.03 17.98
CA LYS A 322 5.30 15.63 17.58
C LYS A 322 4.04 14.95 17.10
N ARG A 323 2.89 15.55 17.39
CA ARG A 323 1.61 14.95 17.02
C ARG A 323 0.87 15.67 15.91
N THR A 324 1.22 16.94 15.69
CA THR A 324 0.50 17.82 14.78
C THR A 324 1.45 18.35 13.70
N SER A 325 1.09 18.12 12.44
CA SER A 325 1.86 18.59 11.31
C SER A 325 0.96 19.28 10.30
N ALA A 326 1.44 20.39 9.74
CA ALA A 326 0.86 20.95 8.53
C ALA A 326 1.65 20.36 7.37
N LEU A 327 0.95 20.15 6.25
CA LEU A 327 1.46 19.41 5.11
C LEU A 327 1.16 20.16 3.82
N VAL A 328 2.09 20.11 2.87
CA VAL A 328 1.91 20.63 1.51
C VAL A 328 2.58 19.67 0.55
N SER A 329 2.00 19.48 -0.63
CA SER A 329 2.66 18.69 -1.66
C SER A 329 2.18 19.07 -3.04
N ALA A 330 2.95 18.65 -4.04
CA ALA A 330 2.56 18.78 -5.45
C ALA A 330 3.07 17.58 -6.22
N GLY A 331 2.23 17.01 -7.06
CA GLY A 331 2.62 15.85 -7.87
C GLY A 331 2.32 15.95 -9.35
N TRP A 332 3.15 15.29 -10.16
CA TRP A 332 2.91 15.15 -11.59
C TRP A 332 3.07 13.69 -11.96
N LEU A 333 2.05 13.14 -12.62
CA LEU A 333 2.03 11.74 -13.03
C LEU A 333 1.64 11.63 -14.50
N LYS A 334 2.38 10.80 -15.23
CA LYS A 334 2.06 10.47 -16.61
C LYS A 334 1.91 8.95 -16.74
N GLN A 335 0.78 8.53 -17.32
CA GLN A 335 0.44 7.10 -17.47
C GLN A 335 0.25 6.78 -18.95
N GLY A 336 0.75 5.63 -19.36
CA GLY A 336 0.59 5.18 -20.74
C GLY A 336 1.48 5.89 -21.74
N LYS A 337 1.11 5.79 -23.01
CA LYS A 337 1.93 6.28 -24.09
C LYS A 337 1.04 6.67 -25.25
N GLY A 338 1.43 7.74 -25.96
CA GLY A 338 0.71 8.16 -27.15
C GLY A 338 -0.61 8.86 -26.90
N ALA A 339 -1.70 8.21 -27.33
CA ALA A 339 -3.03 8.84 -27.36
C ALA A 339 -3.98 8.36 -26.26
N GLY A 340 -3.78 7.12 -25.81
CA GLY A 340 -4.49 6.62 -24.62
C GLY A 340 -3.88 7.21 -23.34
N LYS A 341 -2.81 7.97 -23.51
CA LYS A 341 -2.02 8.60 -22.45
C LYS A 341 -2.87 9.45 -21.49
N VAL A 342 -2.52 9.37 -20.20
CA VAL A 342 -3.19 10.15 -19.15
C VAL A 342 -2.14 10.90 -18.32
N GLU A 343 -2.33 12.21 -18.15
CA GLU A 343 -1.49 13.01 -17.27
C GLU A 343 -2.31 13.58 -16.12
N GLN A 344 -1.83 13.40 -14.90
CA GLN A 344 -2.46 13.97 -13.71
C GLN A 344 -1.51 14.93 -13.03
N THR A 345 -2.03 16.10 -12.71
CA THR A 345 -1.31 17.04 -11.87
C THR A 345 -2.17 17.33 -10.65
N ALA A 346 -1.52 17.56 -9.51
CA ALA A 346 -2.25 17.90 -8.29
C ALA A 346 -1.38 18.62 -7.28
N SER A 347 -2.03 19.30 -6.34
CA SER A 347 -1.37 19.88 -5.19
C SER A 347 -2.34 19.88 -4.00
N MET A 348 -1.79 19.92 -2.79
CA MET A 348 -2.61 20.01 -1.60
C MET A 348 -1.96 20.82 -0.48
N VAL A 349 -2.79 21.26 0.45
CA VAL A 349 -2.34 21.74 1.74
C VAL A 349 -3.23 21.00 2.74
N GLY A 350 -2.67 20.66 3.90
CA GLY A 350 -3.38 19.83 4.83
C GLY A 350 -2.89 19.86 6.25
N LEU A 351 -3.58 19.11 7.10
CA LEU A 351 -3.30 19.10 8.52
C LEU A 351 -3.48 17.68 9.06
N ARG A 352 -2.57 17.28 9.93
CA ARG A 352 -2.58 15.94 10.50
C ARG A 352 -2.41 16.02 12.00
N HIS A 353 -3.29 15.34 12.73
CA HIS A 353 -3.17 15.27 14.17
C HIS A 353 -3.32 13.85 14.69
N LYS A 354 -2.28 13.38 15.36
CA LYS A 354 -2.26 12.06 15.98
C LYS A 354 -2.63 12.14 17.44
N PHE A 355 -3.47 11.23 17.89
CA PHE A 355 -3.86 11.20 19.30
C PHE A 355 -3.66 9.80 19.89
#